data_9CUE
#
_entry.id   9CUE
#
_cell.length_a   93.104
_cell.length_b   130.170
_cell.length_c   35.923
_cell.angle_alpha   90.00
_cell.angle_beta   90.00
_cell.angle_gamma   90.00
#
_symmetry.space_group_name_H-M   'P 21 21 2'
#
loop_
_entity.id
_entity.type
_entity.pdbx_description
1 polymer 'Stimulator of interferon genes protein'
2 non-polymer 'benzyl (3-{5-carbamoyl-2-[(1-ethyl-3-methyl-1H-pyrazole-5-carbonyl)amino]-7-methoxy-1H-1,3-benzimidazol-1-yl}propyl)carbamate'
3 water water
#
_entity_poly.entity_id   1
_entity_poly.type   'polypeptide(L)'
_entity_poly.pdbx_seq_one_letter_code
;MGSSHHHHHHSSGETVRFQGHMSVAHGLAWSYYIGYLRLILPELQARIRTYNQHYNNLLRGAVSQRLYILLPLDCGVPDN
LSMADPNIRFLDKLPQQTGDRAGIKDRVYSNSIYELLENGQRAGTCVLEYATPLQTLFAMSQYSQAGFSREDRLEQAKLF
CRTLEDILADAPESQNNCRLIAYQEPADDSSFSLSQEVLRHLRQEEKEEV
;
_entity_poly.pdbx_strand_id   A,B
#
loop_
_chem_comp.id
_chem_comp.type
_chem_comp.name
_chem_comp.formula
A1A4X non-polymer 'benzyl (3-{5-carbamoyl-2-[(1-ethyl-3-methyl-1H-pyrazole-5-carbonyl)amino]-7-methoxy-1H-1,3-benzimidazol-1-yl}propyl)carbamate' 'C27 H31 N7 O5'
#
# COMPACT_ATOMS: atom_id res chain seq x y z
N HIS A 21 -16.99 -1.61 10.73
CA HIS A 21 -15.87 -0.73 11.06
C HIS A 21 -14.61 -1.47 11.55
N MET A 22 -14.64 -2.82 11.63
CA MET A 22 -13.54 -3.64 12.10
C MET A 22 -13.09 -4.72 11.12
N SER A 23 -13.82 -4.93 10.01
CA SER A 23 -13.51 -5.99 9.08
C SER A 23 -12.19 -5.78 8.36
N VAL A 24 -11.70 -6.86 7.77
CA VAL A 24 -10.50 -6.88 6.95
C VAL A 24 -10.62 -5.88 5.79
N ALA A 25 -11.75 -5.96 5.06
CA ALA A 25 -12.00 -5.12 3.90
C ALA A 25 -12.16 -3.62 4.25
N HIS A 26 -12.53 -3.28 5.49
CA HIS A 26 -12.64 -1.90 5.95
C HIS A 26 -11.22 -1.32 6.14
N GLY A 27 -10.30 -2.09 6.70
CA GLY A 27 -8.91 -1.70 6.91
C GLY A 27 -8.16 -1.45 5.62
N LEU A 28 -8.40 -2.33 4.66
CA LEU A 28 -7.78 -2.26 3.35
C LEU A 28 -8.28 -1.07 2.56
N ALA A 29 -9.60 -0.76 2.65
CA ALA A 29 -10.18 0.35 1.90
C ALA A 29 -9.73 1.70 2.46
N TRP A 30 -9.60 1.79 3.77
CA TRP A 30 -9.12 3.02 4.41
C TRP A 30 -7.62 3.21 4.19
N SER A 31 -6.85 2.13 4.14
CA SER A 31 -5.42 2.19 3.88
C SER A 31 -5.14 2.65 2.44
N TYR A 32 -5.82 2.04 1.47
CA TYR A 32 -5.69 2.40 0.05
C TYR A 32 -6.03 3.90 -0.17
N TYR A 33 -7.01 4.42 0.57
CA TYR A 33 -7.36 5.84 0.48
C TYR A 33 -6.33 6.71 1.21
N ILE A 34 -6.04 6.41 2.48
CA ILE A 34 -5.12 7.21 3.28
C ILE A 34 -3.70 7.22 2.73
N GLY A 35 -3.15 6.04 2.45
CA GLY A 35 -1.78 5.89 1.99
C GLY A 35 -1.54 6.03 0.50
N TYR A 36 -2.59 6.29 -0.32
CA TYR A 36 -2.36 6.41 -1.74
C TYR A 36 -3.37 7.34 -2.51
N LEU A 37 -4.69 7.01 -2.56
CA LEU A 37 -5.65 7.82 -3.33
C LEU A 37 -5.79 9.27 -2.86
N ARG A 38 -5.75 9.55 -1.55
CA ARG A 38 -5.83 10.95 -1.07
C ARG A 38 -4.58 11.76 -1.44
N LEU A 39 -3.44 11.09 -1.66
CA LEU A 39 -2.19 11.76 -2.00
C LEU A 39 -2.00 11.92 -3.54
N ILE A 40 -2.71 11.12 -4.36
CA ILE A 40 -2.53 11.17 -5.81
C ILE A 40 -3.65 11.88 -6.57
N LEU A 41 -4.90 11.78 -6.11
CA LEU A 41 -6.04 12.35 -6.84
C LEU A 41 -6.11 13.89 -6.86
N PRO A 42 -5.71 14.65 -5.80
CA PRO A 42 -5.79 16.12 -5.89
C PRO A 42 -5.09 16.72 -7.12
N GLU A 43 -3.99 16.09 -7.58
CA GLU A 43 -3.22 16.57 -8.72
C GLU A 43 -3.38 15.73 -10.00
N LEU A 44 -4.29 14.73 -10.01
CA LEU A 44 -4.47 13.86 -11.17
C LEU A 44 -5.11 14.57 -12.36
N GLN A 45 -6.13 15.41 -12.14
CA GLN A 45 -6.77 16.13 -13.23
C GLN A 45 -5.84 17.12 -13.90
N ALA A 46 -4.93 17.75 -13.13
CA ALA A 46 -3.97 18.71 -13.67
C ALA A 46 -2.95 18.01 -14.56
N ARG A 47 -2.53 16.79 -14.18
CA ARG A 47 -1.57 16.01 -14.95
C ARG A 47 -2.20 15.56 -16.27
N ILE A 48 -3.46 15.07 -16.23
CA ILE A 48 -4.20 14.66 -17.42
C ILE A 48 -4.43 15.86 -18.33
N ARG A 49 -4.91 16.98 -17.75
CA ARG A 49 -5.15 18.21 -18.51
C ARG A 49 -3.87 18.71 -19.19
N THR A 50 -2.72 18.64 -18.51
CA THR A 50 -1.43 19.07 -19.06
C THR A 50 -1.04 18.20 -20.27
N TYR A 51 -1.12 16.87 -20.13
CA TYR A 51 -0.80 15.91 -21.17
C TYR A 51 -1.75 16.11 -22.37
N ASN A 52 -3.04 16.35 -22.11
CA ASN A 52 -4.00 16.60 -23.20
C ASN A 52 -3.72 17.96 -23.88
N GLN A 53 -3.42 19.01 -23.12
CA GLN A 53 -3.14 20.32 -23.69
C GLN A 53 -1.86 20.29 -24.55
N HIS A 54 -0.81 19.64 -24.05
CA HIS A 54 0.49 19.58 -24.75
C HIS A 54 0.54 18.64 -25.95
N TYR A 55 -0.04 17.43 -25.81
CA TYR A 55 0.09 16.37 -26.80
C TYR A 55 -1.21 16.05 -27.57
N ASN A 56 -1.04 15.39 -28.74
CA ASN A 56 -2.04 15.00 -29.76
C ASN A 56 -1.53 15.46 -31.14
N ARG A 60 -4.21 10.83 -30.66
CA ARG A 60 -5.21 10.04 -31.40
C ARG A 60 -6.62 10.20 -30.80
N GLY A 61 -6.69 10.33 -29.49
CA GLY A 61 -7.90 10.60 -28.73
C GLY A 61 -7.54 11.28 -27.42
N ALA A 62 -8.43 12.14 -26.87
CA ALA A 62 -8.14 12.79 -25.58
C ALA A 62 -8.21 11.76 -24.44
N VAL A 63 -7.27 11.84 -23.49
CA VAL A 63 -7.28 10.96 -22.32
C VAL A 63 -8.42 11.44 -21.41
N SER A 64 -9.23 10.52 -20.86
CA SER A 64 -10.31 10.90 -19.95
C SER A 64 -9.74 11.51 -18.64
N GLN A 65 -10.54 12.36 -17.98
CA GLN A 65 -10.16 13.09 -16.76
C GLN A 65 -10.22 12.31 -15.44
N ARG A 66 -10.57 11.02 -15.46
CA ARG A 66 -10.69 10.22 -14.25
C ARG A 66 -9.68 9.08 -14.15
N LEU A 67 -9.39 8.65 -12.91
CA LEU A 67 -8.55 7.48 -12.64
C LEU A 67 -9.53 6.32 -12.68
N TYR A 68 -9.30 5.32 -13.53
CA TYR A 68 -10.18 4.15 -13.60
C TYR A 68 -9.48 3.01 -12.87
N ILE A 69 -10.09 2.56 -11.77
CA ILE A 69 -9.53 1.51 -10.92
C ILE A 69 -10.28 0.20 -11.19
N LEU A 70 -9.56 -0.81 -11.70
CA LEU A 70 -10.12 -2.12 -11.95
C LEU A 70 -10.25 -2.90 -10.64
N LEU A 71 -11.45 -3.41 -10.40
CA LEU A 71 -11.83 -4.15 -9.20
C LEU A 71 -12.37 -5.54 -9.56
N PRO A 72 -11.51 -6.49 -9.99
CA PRO A 72 -12.01 -7.85 -10.27
C PRO A 72 -12.47 -8.50 -8.96
N LEU A 73 -13.76 -8.83 -8.85
CA LEU A 73 -14.30 -9.41 -7.61
C LEU A 73 -13.70 -10.78 -7.26
N ASP A 74 -13.12 -11.51 -8.24
CA ASP A 74 -12.43 -12.76 -7.98
C ASP A 74 -11.00 -12.53 -7.40
N CYS A 75 -10.54 -11.24 -7.30
CA CYS A 75 -9.23 -10.79 -6.82
C CYS A 75 -8.05 -11.33 -7.63
N GLY A 76 -8.30 -11.70 -8.89
CA GLY A 76 -7.29 -12.19 -9.80
C GLY A 76 -6.60 -11.00 -10.45
N VAL A 77 -5.66 -10.41 -9.72
CA VAL A 77 -4.91 -9.23 -10.14
C VAL A 77 -3.51 -9.69 -10.62
N PRO A 78 -3.06 -9.47 -11.86
CA PRO A 78 -1.67 -9.86 -12.21
C PRO A 78 -0.61 -9.29 -11.27
N ASP A 79 0.53 -9.99 -11.10
CA ASP A 79 1.63 -9.50 -10.28
C ASP A 79 2.22 -8.30 -11.05
N ASN A 80 1.90 -7.09 -10.58
CA ASN A 80 2.24 -5.78 -11.15
C ASN A 80 0.96 -5.18 -11.84
N LEU A 81 0.63 -5.57 -13.10
CA LEU A 81 -0.54 -5.05 -13.82
C LEU A 81 -0.74 -5.75 -15.18
N SER A 82 -1.89 -5.49 -15.87
CA SER A 82 -2.24 -6.07 -17.17
C SER A 82 -2.39 -4.98 -18.23
N ASP A 85 -5.43 -8.24 -21.58
CA ASP A 85 -6.26 -8.25 -22.79
C ASP A 85 -5.47 -7.64 -23.94
N PRO A 86 -5.56 -8.19 -25.18
CA PRO A 86 -4.85 -7.56 -26.30
C PRO A 86 -5.42 -6.19 -26.66
N ASN A 87 -6.74 -5.99 -26.42
CA ASN A 87 -7.39 -4.71 -26.70
C ASN A 87 -7.14 -3.62 -25.62
N ILE A 88 -6.14 -3.80 -24.73
CA ILE A 88 -5.75 -2.79 -23.73
C ILE A 88 -4.26 -2.61 -23.93
N ARG A 89 -3.88 -1.68 -24.82
CA ARG A 89 -2.48 -1.44 -25.17
C ARG A 89 -1.90 -0.27 -24.39
N PHE A 90 -0.72 -0.46 -23.78
CA PHE A 90 -0.04 0.62 -23.05
C PHE A 90 0.37 1.72 -24.06
N LEU A 91 0.02 2.97 -23.75
CA LEU A 91 0.28 4.10 -24.63
C LEU A 91 1.47 4.95 -24.12
N ASP A 92 1.42 5.36 -22.83
CA ASP A 92 2.46 6.21 -22.25
C ASP A 92 2.26 6.37 -20.73
N LYS A 93 3.24 6.95 -20.03
CA LYS A 93 3.13 7.23 -18.61
C LYS A 93 2.61 8.65 -18.44
N LEU A 94 1.77 8.86 -17.42
CA LEU A 94 1.25 10.17 -17.08
C LEU A 94 2.38 10.83 -16.29
N PRO A 95 2.99 11.93 -16.77
CA PRO A 95 4.11 12.52 -16.03
C PRO A 95 3.70 13.19 -14.72
N GLN A 96 4.68 13.56 -13.88
CA GLN A 96 4.43 14.29 -12.63
C GLN A 96 4.47 15.81 -12.91
N GLN A 97 3.88 16.62 -12.01
CA GLN A 97 3.87 18.07 -12.19
C GLN A 97 5.26 18.68 -11.93
N VAL A 108 6.57 10.60 -6.25
CA VAL A 108 6.88 9.83 -7.46
C VAL A 108 5.74 8.83 -7.70
N TYR A 109 4.92 9.08 -8.73
CA TYR A 109 3.80 8.21 -9.08
C TYR A 109 3.84 7.89 -10.58
N SER A 110 4.13 6.62 -10.89
CA SER A 110 4.10 6.06 -12.23
C SER A 110 2.67 5.58 -12.53
N ASN A 111 1.90 6.35 -13.33
CA ASN A 111 0.51 6.01 -13.69
C ASN A 111 0.44 5.84 -15.18
N SER A 112 -0.06 4.69 -15.65
CA SER A 112 -0.07 4.41 -17.07
C SER A 112 -1.37 4.76 -17.79
N ILE A 113 -1.24 5.29 -19.03
CA ILE A 113 -2.33 5.62 -19.94
C ILE A 113 -2.45 4.42 -20.89
N TYR A 114 -3.66 3.94 -21.11
CA TYR A 114 -3.89 2.81 -22.00
C TYR A 114 -4.87 3.18 -23.07
N GLU A 115 -4.69 2.63 -24.27
CA GLU A 115 -5.59 2.81 -25.40
C GLU A 115 -6.51 1.57 -25.42
N LEU A 116 -7.82 1.77 -25.29
CA LEU A 116 -8.81 0.70 -25.32
C LEU A 116 -9.24 0.52 -26.78
N LEU A 117 -8.92 -0.63 -27.36
CA LEU A 117 -9.24 -0.93 -28.76
C LEU A 117 -10.53 -1.74 -28.91
N GLU A 118 -11.12 -1.64 -30.09
CA GLU A 118 -12.29 -2.43 -30.50
C GLU A 118 -12.25 -2.54 -32.02
N ASN A 119 -12.27 -3.78 -32.55
CA ASN A 119 -12.20 -4.03 -33.99
C ASN A 119 -10.86 -3.54 -34.62
N GLY A 120 -9.79 -3.50 -33.83
CA GLY A 120 -8.47 -3.07 -34.29
C GLY A 120 -8.20 -1.59 -34.14
N GLN A 121 -9.26 -0.75 -34.00
CA GLN A 121 -9.13 0.71 -33.86
C GLN A 121 -9.32 1.17 -32.42
N ARG A 122 -8.73 2.31 -32.08
CA ARG A 122 -8.85 2.89 -30.75
C ARG A 122 -10.25 3.43 -30.53
N ALA A 123 -10.93 2.97 -29.48
CA ALA A 123 -12.26 3.40 -29.08
C ALA A 123 -12.21 4.37 -27.86
N GLY A 124 -11.11 4.36 -27.10
CA GLY A 124 -10.95 5.23 -25.95
C GLY A 124 -9.53 5.22 -25.41
N THR A 125 -9.22 6.10 -24.47
CA THR A 125 -7.89 6.18 -23.86
C THR A 125 -8.05 6.71 -22.43
N CYS A 126 -7.40 6.07 -21.45
CA CYS A 126 -7.54 6.47 -20.04
C CYS A 126 -6.42 5.98 -19.15
N VAL A 127 -6.26 6.60 -17.98
CA VAL A 127 -5.30 6.13 -16.98
C VAL A 127 -6.05 5.02 -16.22
N LEU A 128 -5.55 3.78 -16.34
CA LEU A 128 -6.15 2.56 -15.80
C LEU A 128 -5.16 1.83 -14.87
N GLU A 129 -5.67 1.18 -13.80
CA GLU A 129 -4.84 0.41 -12.87
C GLU A 129 -5.67 -0.50 -11.97
N TYR A 130 -5.08 -1.60 -11.48
CA TYR A 130 -5.76 -2.51 -10.57
C TYR A 130 -5.78 -2.02 -9.13
N ALA A 131 -6.84 -2.38 -8.39
CA ALA A 131 -6.92 -2.05 -6.96
C ALA A 131 -6.03 -3.04 -6.22
N THR A 132 -4.82 -2.61 -5.87
CA THR A 132 -3.83 -3.43 -5.13
C THR A 132 -4.39 -4.21 -3.91
N PRO A 133 -5.26 -3.64 -3.05
CA PRO A 133 -5.71 -4.44 -1.88
C PRO A 133 -6.44 -5.74 -2.22
N LEU A 134 -6.95 -5.94 -3.45
CA LEU A 134 -7.57 -7.20 -3.85
C LEU A 134 -6.50 -8.32 -3.94
N GLN A 135 -5.23 -7.97 -4.26
CA GLN A 135 -4.13 -8.94 -4.25
C GLN A 135 -3.97 -9.50 -2.82
N THR A 136 -4.10 -8.62 -1.80
CA THR A 136 -4.00 -9.03 -0.41
C THR A 136 -5.12 -9.97 -0.02
N LEU A 137 -6.36 -9.70 -0.46
CA LEU A 137 -7.48 -10.61 -0.20
C LEU A 137 -7.25 -11.98 -0.82
N PHE A 138 -6.63 -12.02 -2.02
CA PHE A 138 -6.31 -13.27 -2.68
C PHE A 138 -5.25 -14.01 -1.87
N ALA A 139 -4.16 -13.34 -1.48
CA ALA A 139 -3.09 -13.94 -0.70
C ALA A 139 -3.61 -14.45 0.64
N MET A 140 -4.46 -13.69 1.33
CA MET A 140 -5.04 -14.13 2.60
C MET A 140 -5.84 -15.44 2.46
N SER A 141 -6.45 -15.67 1.27
CA SER A 141 -7.20 -16.90 0.99
C SER A 141 -6.28 -18.07 0.67
N GLN A 142 -5.05 -17.81 0.19
CA GLN A 142 -4.07 -18.83 -0.14
C GLN A 142 -3.24 -19.28 1.03
N TYR A 143 -3.05 -18.44 2.05
CA TYR A 143 -2.19 -18.80 3.15
C TYR A 143 -2.99 -19.16 4.42
N SER A 144 -2.72 -20.40 4.95
CA SER A 144 -3.30 -21.03 6.14
C SER A 144 -3.26 -20.10 7.33
N GLN A 145 -2.13 -19.36 7.50
CA GLN A 145 -1.89 -18.39 8.58
C GLN A 145 -3.00 -17.36 8.76
N ALA A 146 -3.74 -17.12 7.72
CA ALA A 146 -4.88 -16.21 7.71
C ALA A 146 -6.20 -16.96 7.78
N GLY A 147 -6.22 -18.13 7.16
CA GLY A 147 -7.37 -19.00 7.00
C GLY A 147 -8.01 -18.48 5.75
N PHE A 148 -9.08 -17.74 5.94
CA PHE A 148 -9.82 -17.00 4.94
C PHE A 148 -10.18 -17.89 3.75
N SER A 149 -11.46 -18.28 3.63
CA SER A 149 -11.89 -19.16 2.55
C SER A 149 -12.12 -18.40 1.22
N ARG A 150 -12.49 -19.11 0.13
CA ARG A 150 -12.80 -18.49 -1.15
C ARG A 150 -14.11 -17.70 -1.04
N GLU A 151 -15.08 -18.18 -0.22
CA GLU A 151 -16.35 -17.50 0.01
C GLU A 151 -16.11 -16.21 0.82
N ASP A 152 -15.24 -16.27 1.85
CA ASP A 152 -14.86 -15.12 2.67
C ASP A 152 -14.23 -14.03 1.81
N ARG A 153 -13.30 -14.43 0.91
CA ARG A 153 -12.58 -13.53 0.02
C ARG A 153 -13.50 -12.81 -0.94
N LEU A 154 -14.50 -13.51 -1.49
CA LEU A 154 -15.45 -12.90 -2.42
C LEU A 154 -16.38 -11.93 -1.68
N GLU A 155 -16.77 -12.26 -0.46
CA GLU A 155 -17.64 -11.40 0.36
C GLU A 155 -16.87 -10.13 0.77
N GLN A 156 -15.60 -10.29 1.21
CA GLN A 156 -14.75 -9.16 1.59
C GLN A 156 -14.40 -8.30 0.38
N ALA A 157 -14.24 -8.89 -0.82
CA ALA A 157 -13.95 -8.09 -2.03
C ALA A 157 -15.09 -7.11 -2.34
N LYS A 158 -16.37 -7.54 -2.20
CA LYS A 158 -17.53 -6.69 -2.45
C LYS A 158 -17.65 -5.66 -1.33
N LEU A 159 -17.40 -6.06 -0.08
CA LEU A 159 -17.38 -5.15 1.05
C LEU A 159 -16.29 -4.06 0.86
N PHE A 160 -15.09 -4.43 0.38
CA PHE A 160 -14.00 -3.46 0.10
C PHE A 160 -14.49 -2.46 -0.95
N CYS A 161 -15.07 -2.97 -2.05
CA CYS A 161 -15.61 -2.17 -3.13
C CYS A 161 -16.69 -1.21 -2.61
N ARG A 162 -17.57 -1.65 -1.72
CA ARG A 162 -18.63 -0.80 -1.16
C ARG A 162 -18.02 0.29 -0.29
N THR A 163 -17.17 -0.10 0.69
CA THR A 163 -16.48 0.81 1.59
C THR A 163 -15.66 1.83 0.80
N LEU A 164 -14.86 1.38 -0.18
CA LEU A 164 -14.06 2.30 -0.99
C LEU A 164 -14.98 3.30 -1.73
N GLU A 165 -16.09 2.81 -2.37
CA GLU A 165 -17.08 3.66 -3.04
C GLU A 165 -17.61 4.75 -2.10
N ASP A 166 -18.01 4.35 -0.87
CA ASP A 166 -18.54 5.26 0.14
C ASP A 166 -17.48 6.28 0.55
N ILE A 167 -16.19 5.86 0.70
CA ILE A 167 -15.11 6.80 1.04
C ILE A 167 -14.95 7.82 -0.09
N LEU A 168 -14.82 7.34 -1.34
CA LEU A 168 -14.59 8.21 -2.49
C LEU A 168 -15.76 9.16 -2.77
N ALA A 169 -17.00 8.81 -2.38
CA ALA A 169 -18.15 9.68 -2.59
C ALA A 169 -18.10 10.93 -1.69
N ASP A 170 -17.62 10.79 -0.44
CA ASP A 170 -17.54 11.90 0.52
C ASP A 170 -16.12 12.47 0.72
N ALA A 171 -15.08 11.90 0.07
CA ALA A 171 -13.72 12.39 0.28
C ALA A 171 -13.46 13.68 -0.50
N PRO A 172 -12.80 14.66 0.15
CA PRO A 172 -12.51 15.92 -0.56
C PRO A 172 -11.50 15.77 -1.70
N GLU A 173 -10.49 14.90 -1.49
CA GLU A 173 -9.45 14.56 -2.47
C GLU A 173 -9.88 13.30 -3.20
N SER A 174 -10.92 13.43 -4.06
CA SER A 174 -11.52 12.35 -4.89
C SER A 174 -12.94 12.72 -5.43
N GLN A 175 -13.18 14.02 -5.71
CA GLN A 175 -14.49 14.55 -6.05
C GLN A 175 -15.05 14.12 -7.43
N ASN A 176 -14.30 14.36 -8.54
CA ASN A 176 -14.76 14.01 -9.88
C ASN A 176 -13.59 13.51 -10.74
N ASN A 177 -12.71 12.69 -10.14
CA ASN A 177 -11.53 12.20 -10.84
C ASN A 177 -11.18 10.74 -10.48
N CYS A 178 -12.19 9.93 -10.21
CA CYS A 178 -11.98 8.53 -9.89
C CYS A 178 -13.24 7.75 -10.19
N ARG A 179 -13.11 6.58 -10.85
CA ARG A 179 -14.23 5.70 -11.13
C ARG A 179 -13.80 4.29 -10.84
N LEU A 180 -14.60 3.60 -10.04
CA LEU A 180 -14.35 2.22 -9.67
C LEU A 180 -15.04 1.30 -10.68
N ILE A 181 -14.31 0.32 -11.21
CA ILE A 181 -14.87 -0.62 -12.18
C ILE A 181 -14.84 -2.01 -11.56
N ALA A 182 -15.95 -2.43 -10.94
CA ALA A 182 -16.10 -3.75 -10.31
C ALA A 182 -16.78 -4.74 -11.26
N TYR A 183 -16.29 -5.99 -11.30
CA TYR A 183 -16.80 -7.00 -12.22
C TYR A 183 -16.39 -8.41 -11.79
N GLN A 184 -17.19 -9.41 -12.20
CA GLN A 184 -16.88 -10.82 -11.94
C GLN A 184 -16.96 -11.57 -13.25
N GLU A 185 -15.90 -12.34 -13.56
CA GLU A 185 -15.84 -13.11 -14.81
C GLU A 185 -16.73 -14.34 -14.67
N PRO A 186 -17.58 -14.67 -15.66
CA PRO A 186 -18.44 -15.86 -15.51
C PRO A 186 -17.66 -17.16 -15.64
N SER A 191 -17.62 -15.72 -22.31
CA SER A 191 -17.20 -14.60 -23.14
C SER A 191 -17.05 -13.35 -22.27
N PHE A 192 -15.80 -12.95 -22.04
CA PHE A 192 -15.51 -11.78 -21.20
C PHE A 192 -14.38 -10.95 -21.79
N SER A 193 -14.59 -9.64 -21.94
CA SER A 193 -13.53 -8.74 -22.41
C SER A 193 -13.34 -7.63 -21.38
N LEU A 194 -12.11 -7.45 -20.91
CA LEU A 194 -11.79 -6.41 -19.94
C LEU A 194 -11.88 -5.01 -20.62
N SER A 195 -11.49 -4.91 -21.91
CA SER A 195 -11.59 -3.66 -22.66
C SER A 195 -13.04 -3.19 -22.78
N GLN A 196 -14.00 -4.12 -22.92
CA GLN A 196 -15.42 -3.76 -23.03
C GLN A 196 -15.97 -3.25 -21.71
N GLU A 197 -15.53 -3.82 -20.57
CA GLU A 197 -15.96 -3.35 -19.25
C GLU A 197 -15.55 -1.91 -19.00
N VAL A 198 -14.34 -1.52 -19.44
CA VAL A 198 -13.85 -0.16 -19.25
C VAL A 198 -14.57 0.78 -20.23
N LEU A 199 -14.78 0.33 -21.49
CA LEU A 199 -15.51 1.10 -22.49
C LEU A 199 -16.97 1.34 -22.10
N ARG A 200 -17.60 0.39 -21.40
CA ARG A 200 -18.98 0.58 -20.92
C ARG A 200 -19.07 1.78 -19.96
N HIS A 201 -18.01 2.02 -19.16
CA HIS A 201 -17.92 3.16 -18.23
C HIS A 201 -17.43 4.45 -18.91
N LEU A 202 -16.49 4.36 -19.88
CA LEU A 202 -15.98 5.55 -20.57
C LEU A 202 -17.06 6.21 -21.42
N ARG A 203 -17.82 5.40 -22.19
CA ARG A 203 -18.88 5.91 -23.05
C ARG A 203 -20.02 6.52 -22.24
N GLN A 204 -20.36 5.88 -21.10
CA GLN A 204 -21.42 6.39 -20.22
C GLN A 204 -20.99 7.63 -19.41
N GLU A 205 -19.85 8.27 -19.73
CA GLU A 205 -19.37 9.47 -19.04
C GLU A 205 -18.70 10.41 -20.04
N HIS B 21 -8.12 -13.81 7.82
CA HIS B 21 -7.64 -13.74 9.19
C HIS B 21 -8.77 -13.28 10.13
N MET B 22 -9.31 -12.05 10.00
CA MET B 22 -10.45 -11.58 10.80
C MET B 22 -10.68 -10.03 10.86
N SER B 23 -9.63 -9.23 11.15
CA SER B 23 -9.76 -7.78 11.44
C SER B 23 -8.92 -6.83 10.53
N VAL B 24 -9.11 -5.48 10.71
CA VAL B 24 -8.38 -4.38 10.06
C VAL B 24 -6.86 -4.66 10.16
N ALA B 25 -6.36 -5.00 11.36
CA ALA B 25 -4.94 -5.27 11.61
C ALA B 25 -4.40 -6.42 10.77
N HIS B 26 -5.22 -7.45 10.55
CA HIS B 26 -4.76 -8.60 9.78
C HIS B 26 -4.61 -8.24 8.30
N GLY B 27 -5.56 -7.47 7.77
CA GLY B 27 -5.51 -6.99 6.39
C GLY B 27 -4.30 -6.09 6.17
N LEU B 28 -3.97 -5.19 7.13
CA LEU B 28 -2.82 -4.28 7.06
C LEU B 28 -1.46 -5.00 7.16
N ALA B 29 -1.38 -6.02 8.02
CA ALA B 29 -0.18 -6.83 8.19
C ALA B 29 0.13 -7.63 6.93
N TRP B 30 -0.90 -8.23 6.31
CA TRP B 30 -0.74 -8.99 5.08
C TRP B 30 -0.46 -8.08 3.90
N SER B 31 -1.05 -6.88 3.89
CA SER B 31 -0.82 -5.88 2.84
C SER B 31 0.64 -5.39 2.92
N TYR B 32 1.10 -5.09 4.12
CA TYR B 32 2.46 -4.58 4.34
C TYR B 32 3.50 -5.58 3.86
N TYR B 33 3.21 -6.86 4.05
CA TYR B 33 4.06 -7.92 3.58
C TYR B 33 3.94 -8.12 2.06
N ILE B 34 2.71 -8.32 1.56
CA ILE B 34 2.48 -8.60 0.14
C ILE B 34 2.92 -7.44 -0.77
N GLY B 35 2.48 -6.22 -0.45
CA GLY B 35 2.75 -5.05 -1.26
C GLY B 35 4.04 -4.31 -1.00
N TYR B 36 4.88 -4.78 -0.05
CA TYR B 36 6.12 -4.06 0.24
C TYR B 36 7.29 -4.95 0.77
N LEU B 37 7.18 -5.57 1.96
CA LEU B 37 8.30 -6.36 2.52
C LEU B 37 8.74 -7.56 1.67
N ARG B 38 7.80 -8.31 1.04
CA ARG B 38 8.20 -9.44 0.17
C ARG B 38 8.94 -8.96 -1.11
N LEU B 39 8.73 -7.70 -1.53
CA LEU B 39 9.36 -7.15 -2.72
C LEU B 39 10.70 -6.44 -2.39
N ILE B 40 10.95 -6.05 -1.13
CA ILE B 40 12.16 -5.29 -0.77
C ILE B 40 13.21 -6.11 -0.04
N LEU B 41 12.81 -7.09 0.80
CA LEU B 41 13.76 -7.86 1.60
C LEU B 41 14.66 -8.83 0.81
N PRO B 42 14.22 -9.50 -0.28
CA PRO B 42 15.14 -10.41 -1.01
C PRO B 42 16.45 -9.76 -1.45
N GLU B 43 16.44 -8.44 -1.76
CA GLU B 43 17.61 -7.70 -2.22
C GLU B 43 18.19 -6.73 -1.19
N LEU B 44 17.68 -6.70 0.05
CA LEU B 44 18.16 -5.76 1.06
C LEU B 44 19.59 -6.08 1.54
N GLN B 45 19.89 -7.37 1.79
CA GLN B 45 21.23 -7.76 2.28
C GLN B 45 22.30 -7.47 1.23
N ALA B 46 21.98 -7.60 -0.06
CA ALA B 46 22.92 -7.32 -1.15
C ALA B 46 23.24 -5.83 -1.22
N ARG B 47 22.24 -4.98 -0.98
CA ARG B 47 22.40 -3.53 -0.99
C ARG B 47 23.27 -3.09 0.21
N ILE B 48 23.03 -3.66 1.41
CA ILE B 48 23.82 -3.34 2.58
C ILE B 48 25.25 -3.85 2.39
N ARG B 49 25.42 -5.11 1.93
CA ARG B 49 26.74 -5.71 1.66
C ARG B 49 27.53 -4.86 0.66
N THR B 50 26.86 -4.33 -0.39
CA THR B 50 27.51 -3.49 -1.40
C THR B 50 28.02 -2.18 -0.76
N TYR B 51 27.16 -1.50 0.02
CA TYR B 51 27.49 -0.26 0.70
C TYR B 51 28.58 -0.49 1.75
N VAL B 63 27.23 -1.17 8.86
CA VAL B 63 25.77 -1.14 8.91
C VAL B 63 25.29 -2.58 9.16
N SER B 64 24.34 -2.78 10.09
CA SER B 64 23.80 -4.12 10.35
C SER B 64 23.05 -4.67 9.12
N GLN B 65 23.01 -6.00 8.95
CA GLN B 65 22.38 -6.60 7.76
C GLN B 65 20.83 -6.73 7.80
N ARG B 66 20.16 -6.26 8.87
CA ARG B 66 18.70 -6.38 8.95
C ARG B 66 17.98 -5.05 8.78
N LEU B 67 16.71 -5.12 8.34
CA LEU B 67 15.84 -3.96 8.24
C LEU B 67 15.21 -3.85 9.63
N TYR B 68 15.36 -2.72 10.31
CA TYR B 68 14.77 -2.54 11.63
C TYR B 68 13.52 -1.68 11.46
N ILE B 69 12.36 -2.26 11.76
CA ILE B 69 11.07 -1.60 11.59
C ILE B 69 10.55 -1.14 12.95
N LEU B 70 10.41 0.18 13.14
CA LEU B 70 9.88 0.76 14.36
C LEU B 70 8.37 0.62 14.38
N LEU B 71 7.85 0.07 15.48
CA LEU B 71 6.44 -0.21 15.71
C LEU B 71 5.95 0.50 16.99
N PRO B 72 5.79 1.85 16.98
CA PRO B 72 5.25 2.52 18.18
C PRO B 72 3.79 2.11 18.38
N LEU B 73 3.47 1.44 19.50
CA LEU B 73 2.11 0.98 19.75
C LEU B 73 1.06 2.12 19.86
N ASP B 74 1.49 3.35 20.17
CA ASP B 74 0.59 4.53 20.16
C ASP B 74 0.25 5.05 18.73
N CYS B 75 0.90 4.46 17.68
CA CYS B 75 0.74 4.84 16.27
C CYS B 75 1.16 6.28 15.99
N GLY B 76 2.03 6.85 16.82
CA GLY B 76 2.54 8.19 16.64
C GLY B 76 3.76 8.12 15.77
N VAL B 77 3.51 8.04 14.46
CA VAL B 77 4.54 7.94 13.44
C VAL B 77 4.80 9.32 12.85
N PRO B 78 5.90 10.01 13.29
CA PRO B 78 6.26 11.32 12.75
C PRO B 78 7.47 11.21 11.78
N ASP B 79 8.75 11.15 12.28
CA ASP B 79 9.98 11.08 11.47
C ASP B 79 11.11 10.40 12.27
N ALA B 84 12.37 12.67 15.99
CA ALA B 84 12.19 11.44 16.76
C ALA B 84 13.15 11.36 17.95
N ASP B 85 14.43 11.72 17.75
CA ASP B 85 15.42 11.68 18.82
C ASP B 85 16.72 12.32 18.32
N PRO B 86 17.43 13.12 19.15
CA PRO B 86 18.72 13.67 18.68
C PRO B 86 19.78 12.58 18.51
N ASN B 87 19.70 11.49 19.29
CA ASN B 87 20.64 10.38 19.20
C ASN B 87 20.35 9.41 18.01
N ILE B 88 19.53 9.81 17.02
CA ILE B 88 19.25 9.01 15.82
C ILE B 88 19.52 9.96 14.66
N ARG B 89 20.77 10.01 14.20
CA ARG B 89 21.19 10.92 13.15
C ARG B 89 21.18 10.25 11.78
N PHE B 90 20.56 10.89 10.78
CA PHE B 90 20.55 10.37 9.40
C PHE B 90 21.98 10.37 8.86
N LEU B 91 22.43 9.24 8.33
CA LEU B 91 23.80 9.09 7.83
C LEU B 91 23.83 9.11 6.29
N ASP B 92 23.00 8.29 5.62
CA ASP B 92 22.98 8.20 4.17
C ASP B 92 21.81 7.34 3.68
N LYS B 93 21.54 7.34 2.37
CA LYS B 93 20.51 6.50 1.77
C LYS B 93 21.15 5.20 1.31
N LEU B 94 20.44 4.08 1.46
CA LEU B 94 20.87 2.79 0.99
C LEU B 94 20.52 2.80 -0.50
N PRO B 95 21.52 2.74 -1.40
CA PRO B 95 21.20 2.82 -2.84
C PRO B 95 20.47 1.59 -3.37
N ARG B 107 6.71 -2.42 -4.85
CA ARG B 107 8.16 -2.48 -4.96
C ARG B 107 8.82 -1.79 -3.73
N VAL B 108 10.14 -1.54 -3.77
CA VAL B 108 10.84 -0.84 -2.69
C VAL B 108 11.81 0.12 -3.34
N TYR B 109 11.78 1.40 -2.92
CA TYR B 109 12.63 2.41 -3.49
C TYR B 109 13.37 3.21 -2.42
N SER B 110 14.53 2.73 -2.00
CA SER B 110 15.39 3.43 -1.05
C SER B 110 14.92 3.47 0.41
N ASN B 111 15.90 3.27 1.29
CA ASN B 111 15.73 3.24 2.73
C ASN B 111 16.90 4.03 3.36
N SER B 112 16.68 4.68 4.50
CA SER B 112 17.71 5.46 5.17
C SER B 112 18.52 4.68 6.21
N ILE B 113 19.82 4.97 6.27
CA ILE B 113 20.78 4.42 7.24
C ILE B 113 20.90 5.49 8.33
N TYR B 114 20.82 5.09 9.59
CA TYR B 114 20.93 6.02 10.71
C TYR B 114 22.03 5.59 11.65
N GLU B 115 22.72 6.56 12.25
CA GLU B 115 23.75 6.34 13.25
C GLU B 115 23.08 6.50 14.62
N LEU B 116 23.10 5.45 15.45
CA LEU B 116 22.52 5.48 16.80
C LEU B 116 23.62 5.92 17.76
N LEU B 117 23.47 7.10 18.37
CA LEU B 117 24.45 7.67 19.29
C LEU B 117 24.12 7.38 20.75
N GLU B 118 25.15 7.43 21.60
CA GLU B 118 25.03 7.31 23.04
C GLU B 118 26.23 8.04 23.66
N ASN B 119 25.98 9.03 24.54
CA ASN B 119 27.02 9.84 25.16
C ASN B 119 27.83 10.67 24.13
N GLY B 120 27.20 11.03 23.00
CA GLY B 120 27.83 11.83 21.96
C GLY B 120 28.55 11.01 20.89
N GLN B 121 28.89 9.74 21.18
CA GLN B 121 29.59 8.86 20.23
C GLN B 121 28.66 7.85 19.58
N ARG B 122 29.02 7.38 18.39
CA ARG B 122 28.25 6.39 17.66
C ARG B 122 28.37 5.03 18.34
N ALA B 123 27.23 4.44 18.71
CA ALA B 123 27.14 3.10 19.31
C ALA B 123 26.66 2.03 18.29
N GLY B 124 26.04 2.44 17.19
CA GLY B 124 25.56 1.53 16.16
C GLY B 124 25.14 2.25 14.90
N THR B 125 24.84 1.50 13.84
CA THR B 125 24.38 2.07 12.57
C THR B 125 23.49 1.03 11.86
N CYS B 126 22.31 1.45 11.37
CA CYS B 126 21.38 0.49 10.74
C CYS B 126 20.36 1.16 9.84
N VAL B 127 19.74 0.38 8.94
CA VAL B 127 18.64 0.87 8.11
C VAL B 127 17.41 0.74 9.00
N LEU B 128 16.82 1.90 9.35
CA LEU B 128 15.69 2.03 10.27
C LEU B 128 14.52 2.73 9.57
N GLU B 129 13.28 2.34 9.89
CA GLU B 129 12.09 2.96 9.32
C GLU B 129 10.85 2.62 10.10
N TYR B 130 9.86 3.51 10.07
CA TYR B 130 8.60 3.27 10.75
C TYR B 130 7.68 2.34 9.95
N ALA B 131 6.85 1.56 10.67
CA ALA B 131 5.86 0.70 10.02
C ALA B 131 4.73 1.60 9.57
N THR B 132 4.73 1.97 8.28
CA THR B 132 3.69 2.82 7.66
C THR B 132 2.23 2.44 8.05
N PRO B 133 1.81 1.14 8.13
CA PRO B 133 0.42 0.84 8.50
C PRO B 133 -0.09 1.38 9.84
N LEU B 134 0.83 1.72 10.76
CA LEU B 134 0.45 2.32 12.02
C LEU B 134 -0.07 3.76 11.81
N GLN B 135 0.44 4.48 10.77
CA GLN B 135 -0.08 5.80 10.39
C GLN B 135 -1.55 5.66 10.00
N THR B 136 -1.90 4.59 9.25
CA THR B 136 -3.27 4.34 8.83
C THR B 136 -4.16 4.07 10.03
N LEU B 137 -3.70 3.30 11.03
CA LEU B 137 -4.48 3.05 12.23
C LEU B 137 -4.73 4.36 12.98
N PHE B 138 -3.75 5.28 12.99
CA PHE B 138 -3.90 6.59 13.63
C PHE B 138 -4.94 7.40 12.87
N ALA B 139 -4.82 7.48 11.53
CA ALA B 139 -5.77 8.23 10.69
C ALA B 139 -7.18 7.66 10.81
N MET B 140 -7.35 6.35 10.82
CA MET B 140 -8.67 5.73 10.99
C MET B 140 -9.33 6.15 12.32
N SER B 141 -8.52 6.41 13.37
CA SER B 141 -9.02 6.85 14.66
C SER B 141 -9.41 8.33 14.65
N GLN B 142 -8.80 9.14 13.76
CA GLN B 142 -9.07 10.56 13.61
C GLN B 142 -10.20 10.85 12.58
N TYR B 143 -10.59 9.87 11.69
CA TYR B 143 -11.67 10.04 10.67
C TYR B 143 -13.01 9.45 11.11
N SER B 144 -14.07 10.28 11.21
CA SER B 144 -15.40 9.83 11.63
C SER B 144 -15.94 8.66 10.82
N GLN B 145 -15.93 8.75 9.48
CA GLN B 145 -16.51 7.70 8.65
C GLN B 145 -15.84 6.33 8.88
N ALA B 146 -14.64 6.25 9.54
CA ALA B 146 -14.05 4.98 9.90
C ALA B 146 -14.61 4.41 11.22
N GLY B 147 -15.13 5.21 12.17
CA GLY B 147 -15.68 4.65 13.42
C GLY B 147 -14.73 3.68 14.15
N PHE B 148 -13.61 4.22 14.61
CA PHE B 148 -12.44 3.59 15.20
C PHE B 148 -11.97 4.44 16.40
N SER B 149 -12.13 3.95 17.62
CA SER B 149 -11.78 4.71 18.84
C SER B 149 -10.26 4.63 19.15
N ARG B 150 -9.79 5.33 20.21
CA ARG B 150 -8.39 5.26 20.63
C ARG B 150 -8.08 3.87 21.22
N GLU B 151 -9.07 3.24 21.89
CA GLU B 151 -8.91 1.91 22.45
C GLU B 151 -8.83 0.88 21.31
N ASP B 152 -9.67 1.03 20.27
CA ASP B 152 -9.68 0.16 19.09
C ASP B 152 -8.31 0.21 18.39
N ARG B 153 -7.77 1.42 18.22
CA ARG B 153 -6.50 1.67 17.56
C ARG B 153 -5.33 1.01 18.28
N LEU B 154 -5.32 1.08 19.62
CA LEU B 154 -4.23 0.47 20.40
C LEU B 154 -4.33 -1.06 20.36
N GLU B 155 -5.54 -1.61 20.36
CA GLU B 155 -5.77 -3.05 20.31
C GLU B 155 -5.36 -3.58 18.92
N GLN B 156 -5.74 -2.86 17.85
CA GLN B 156 -5.40 -3.23 16.47
C GLN B 156 -3.89 -3.08 16.24
N ALA B 157 -3.22 -2.10 16.89
CA ALA B 157 -1.77 -1.94 16.75
C ALA B 157 -1.00 -3.17 17.24
N LYS B 158 -1.42 -3.74 18.39
CA LYS B 158 -0.79 -4.95 18.95
C LYS B 158 -1.14 -6.16 18.12
N LEU B 159 -2.38 -6.25 17.63
CA LEU B 159 -2.81 -7.32 16.74
C LEU B 159 -1.97 -7.29 15.45
N PHE B 160 -1.67 -6.09 14.94
CA PHE B 160 -0.83 -5.91 13.75
C PHE B 160 0.61 -6.41 14.01
N CYS B 161 1.24 -6.04 15.17
CA CYS B 161 2.62 -6.45 15.51
C CYS B 161 2.75 -7.96 15.54
N ARG B 162 1.83 -8.62 16.26
CA ARG B 162 1.83 -10.05 16.42
C ARG B 162 1.51 -10.73 15.08
N THR B 163 0.54 -10.21 14.31
CA THR B 163 0.21 -10.81 13.01
C THR B 163 1.41 -10.72 12.06
N LEU B 164 2.08 -9.56 11.96
CA LEU B 164 3.25 -9.38 11.11
C LEU B 164 4.47 -10.24 11.58
N GLU B 165 4.64 -10.46 12.89
CA GLU B 165 5.72 -11.28 13.42
C GLU B 165 5.52 -12.73 13.00
N ASP B 166 4.27 -13.22 12.99
CA ASP B 166 3.97 -14.59 12.56
C ASP B 166 4.21 -14.75 11.05
N ILE B 167 3.79 -13.75 10.26
CA ILE B 167 3.98 -13.76 8.81
C ILE B 167 5.46 -13.82 8.46
N LEU B 168 6.27 -12.97 9.09
CA LEU B 168 7.69 -12.87 8.81
C LEU B 168 8.49 -14.04 9.31
N ALA B 169 8.03 -14.74 10.38
CA ALA B 169 8.71 -15.93 10.88
C ALA B 169 8.68 -17.09 9.86
N ASP B 170 7.56 -17.24 9.11
CA ASP B 170 7.39 -18.31 8.12
C ASP B 170 7.55 -17.85 6.66
N ALA B 171 7.79 -16.55 6.39
CA ALA B 171 7.91 -16.07 5.01
C ALA B 171 9.24 -16.44 4.40
N PRO B 172 9.24 -16.92 3.13
CA PRO B 172 10.52 -17.24 2.47
C PRO B 172 11.41 -16.01 2.23
N GLU B 173 10.80 -14.77 2.27
CA GLU B 173 11.51 -13.49 2.21
C GLU B 173 12.61 -13.35 3.29
N SER B 174 12.67 -14.30 4.27
CA SER B 174 13.69 -14.61 5.27
C SER B 174 13.56 -13.89 6.60
N GLN B 175 14.04 -14.60 7.65
CA GLN B 175 14.06 -14.10 9.02
C GLN B 175 15.32 -13.24 9.24
N ASN B 176 16.46 -13.64 8.61
CA ASN B 176 17.76 -12.96 8.75
C ASN B 176 17.86 -11.50 8.29
N ASN B 177 16.84 -10.93 7.63
CA ASN B 177 16.92 -9.57 7.10
C ASN B 177 15.89 -8.59 7.66
N CYS B 178 15.21 -8.92 8.78
CA CYS B 178 14.16 -8.03 9.30
C CYS B 178 13.96 -8.24 10.79
N ARG B 179 13.84 -7.15 11.55
CA ARG B 179 13.58 -7.22 12.97
C ARG B 179 12.53 -6.16 13.31
N LEU B 180 11.48 -6.58 14.01
CA LEU B 180 10.39 -5.70 14.42
C LEU B 180 10.69 -5.14 15.80
N ILE B 181 10.58 -3.81 15.98
CA ILE B 181 10.84 -3.18 17.27
C ILE B 181 9.55 -2.54 17.75
N ALA B 182 8.77 -3.23 18.59
CA ALA B 182 7.50 -2.74 19.16
C ALA B 182 7.71 -2.15 20.56
N TYR B 183 7.04 -1.02 20.86
CA TYR B 183 7.22 -0.31 22.13
C TYR B 183 6.09 0.68 22.40
N GLN B 184 5.85 0.99 23.68
CA GLN B 184 4.86 2.00 24.07
C GLN B 184 5.53 2.97 25.01
N GLU B 185 5.38 4.27 24.74
CA GLU B 185 6.00 5.30 25.56
C GLU B 185 5.17 5.48 26.84
N PRO B 186 5.79 5.53 28.04
CA PRO B 186 4.98 5.71 29.26
C PRO B 186 4.40 7.11 29.38
N PHE B 192 12.11 8.10 28.23
CA PHE B 192 12.07 7.21 27.07
C PHE B 192 13.05 7.66 25.99
N SER B 193 13.89 6.75 25.50
CA SER B 193 14.80 7.06 24.41
C SER B 193 14.58 6.05 23.28
N LEU B 194 14.30 6.55 22.07
CA LEU B 194 14.09 5.70 20.91
C LEU B 194 15.41 5.05 20.47
N SER B 195 16.55 5.79 20.62
CA SER B 195 17.87 5.25 20.28
C SER B 195 18.23 4.05 21.16
N GLN B 196 17.82 4.06 22.45
CA GLN B 196 18.10 2.95 23.37
C GLN B 196 17.28 1.71 23.01
N GLU B 197 16.02 1.89 22.57
CA GLU B 197 15.18 0.77 22.16
C GLU B 197 15.79 0.02 20.97
N VAL B 198 16.38 0.75 20.01
CA VAL B 198 17.00 0.15 18.83
C VAL B 198 18.32 -0.50 19.22
N LEU B 199 19.11 0.16 20.09
CA LEU B 199 20.39 -0.36 20.58
C LEU B 199 20.19 -1.64 21.41
N ARG B 200 19.08 -1.76 22.14
CA ARG B 200 18.78 -2.97 22.90
C ARG B 200 18.66 -4.19 21.96
N HIS B 201 18.12 -3.98 20.73
CA HIS B 201 17.98 -5.03 19.72
C HIS B 201 19.28 -5.23 18.90
N LEU B 202 20.04 -4.16 18.58
CA LEU B 202 21.28 -4.26 17.81
C LEU B 202 22.35 -5.04 18.58
N ARG B 203 22.54 -4.71 19.87
CA ARG B 203 23.54 -5.36 20.71
C ARG B 203 23.19 -6.82 20.94
N GLN B 204 21.89 -7.14 21.14
CA GLN B 204 21.45 -8.51 21.35
C GLN B 204 21.45 -9.36 20.05
N GLU B 205 22.08 -8.87 18.95
CA GLU B 205 22.18 -9.61 17.70
C GLU B 205 23.53 -9.34 17.04
N1 A1A4X C . 0.05 2.06 -4.32
N1 A1A4X C . 5.65 1.07 1.59
C7 A1A4X C . 2.92 4.54 -5.97
C7 A1A4X C . 8.15 2.31 -1.47
C8 A1A4X C . -2.79 -0.79 -0.78
C8 A1A4X C . 1.15 -0.44 4.11
N2 A1A4X C . -2.77 0.29 1.19
N2 A1A4X C . 0.11 -1.96 2.82
C9 A1A4X C . 2.13 3.83 -6.87
C9 A1A4X C . 8.62 2.48 -0.18
O1 A1A4X C . 1.36 4.15 -9.10
O1 A1A4X C . 10.72 2.53 0.95
C1 A1A4X C . 10.55 5.27 0.06
C1 A1A4X C . 3.09 4.59 -8.14
O5 A1A4X C . 6.82 2.20 -1.18
O5 A1A4X C . 0.09 2.69 -4.67
C5 A1A4X C . 8.99 4.00 -1.22
C5 A1A4X C . 2.31 3.53 -6.14
C6 A1A4X C . 1.13 2.97 -6.40
C6 A1A4X C . 7.83 2.13 0.92
N3 A1A4X C . 1.25 3.22 -2.86
N3 A1A4X C . 4.85 0.79 -0.45
C4 A1A4X C . 9.61 3.25 0.96
C4 A1A4X C . 0.97 3.48 -8.12
O4 A1A4X C . 3.43 5.08 -3.67
O4 A1A4X C . 6.33 1.56 -2.90
C3 A1A4X C . 9.83 5.09 -1.09
C3 A1A4X C . 3.27 4.25 -6.83
O3 A1A4X C . 5.45 0.93 0.12
O3 A1A4X C . 1.52 0.99 -4.25
C2 A1A4X C . 10.45 4.34 1.09
C2 A1A4X C . 1.94 4.21 -8.78
N4 A1A4X C . -2.07 0.99 0.27
N4 A1A4X C . 1.27 -1.55 2.23
C10 A1A4X C . 8.87 3.06 -0.20
C10 A1A4X C . 1.14 3.13 -6.79
C11 A1A4X C . 0.96 2.83 -5.04
C11 A1A4X C . 6.59 1.57 0.70
C12 A1A4X C . 1.70 3.56 -4.13
C12 A1A4X C . 6.10 1.39 -0.57
C13 A1A4X C . 2.70 4.41 -4.62
C13 A1A4X C . 6.89 1.76 -1.67
C14 A1A4X C . -2.06 0.36 -0.94
C14 A1A4X C . 1.91 -0.61 2.98
C15 A1A4X C . -3.21 -0.79 0.56
C15 A1A4X C . 0.04 -1.28 3.96
C16 A1A4X C . 0.20 2.31 -3.00
C16 A1A4X C . 4.57 0.63 0.89
C17 A1A4X C . 2.35 4.00 -8.34
C17 A1A4X C . 10.00 3.04 0.06
C18 A1A4X C . -1.40 0.88 -2.17
C18 A1A4X C . 3.19 0.03 2.66
C19 A1A4X C . 5.64 1.65 -0.85
C19 A1A4X C . 0.85 1.94 -3.87
C20 A1A4X C . -4.04 -1.82 1.27
C20 A1A4X C . -1.10 -1.47 4.90
C21 A1A4X C . -0.26 2.06 1.58
C21 A1A4X C . 0.70 -1.67 -0.15
C22 A1A4X C . 4.84 5.09 -3.82
C22 A1A4X C . 7.18 1.59 -4.04
C23 A1A4X C . 7.95 1.88 -0.32
C23 A1A4X C . 0.09 2.34 -6.07
C24 A1A4X C . 2.48 2.57 -0.80
C24 A1A4X C . 3.09 1.72 -1.91
C25 A1A4X C . -1.46 2.26 0.68
C25 A1A4X C . 1.63 -2.12 0.93
C26 A1A4X C . 1.78 3.68 -1.56
C26 A1A4X C . 3.88 0.49 -1.51
C27 A1A4X C . 3.31 1.57 -1.61
C27 A1A4X C . 1.60 1.74 -1.56
N5 A1A4X C . 3.59 4.01 -8.79
N5 A1A4X C . 10.39 4.06 -0.68
N6 A1A4X C . -0.44 1.80 -1.97
N6 A1A4X C . 3.43 0.14 1.33
N7 A1A4X C . 4.69 2.00 -1.74
N7 A1A4X C . 0.81 2.38 -2.60
O2 A1A4X C . -1.80 0.46 -3.25
O2 A1A4X C . 3.96 0.33 3.56
H7 A1A4X C . 3.66 5.21 -6.38
H7 A1A4X C . 8.80 2.63 -2.28
H8 A1A4X C . -3.00 -1.54 -1.54
H8 A1A4X C . 1.37 0.24 4.94
H1 A1A4X C . 11.23 6.11 0.16
H1 A1A4X C . 3.86 5.14 -8.64
H5 A1A4X C . 8.43 3.89 -2.15
H5 A1A4X C . 2.50 3.28 -5.11
H6 A1A4X C . 0.51 2.40 -7.09
H6 A1A4X C . 8.21 2.22 1.94
H4 A1A4X C . 9.52 2.54 1.77
H4 A1A4X C . 0.06 3.17 -8.64
H3 A1A4X C . 9.92 5.80 -1.90
H3 A1A4X C . 4.18 4.54 -6.30
H2 A1A4X C . 11.03 4.48 2.00
H2 A1A4X C . 1.79 4.47 -9.84
H11 A1A4X C . -3.79 -1.90 2.33
H11 A1A4X C . -1.96 -1.91 4.38
H10 A1A4X C . -3.90 -2.79 0.82
H10 A1A4X C . -1.43 -0.55 5.36
H9 A1A4X C . -5.09 -1.56 1.22
H9 A1A4X C . -0.83 -2.16 5.70
H13 A1A4X C . 0.43 2.89 1.48
H13 A1A4X C . -0.10 -2.39 -0.31
H12 A1A4X C . 0.30 1.16 1.35
H12 A1A4X C . 0.24 -0.71 0.08
H14 A1A4X C . -0.53 2.00 2.64
H14 A1A4X C . 1.21 -1.56 -1.11
H15 A1A4X C . 5.19 5.39 -2.84
H15 A1A4X C . 6.56 1.15 -4.82
H16 A1A4X C . 5.17 5.81 -4.57
H16 A1A4X C . 8.06 0.97 -3.92
H17 A1A4X C . 5.26 4.10 -4.05
H17 A1A4X C . 7.47 2.60 -4.33
H19 A1A4X C . 7.60 1.57 0.66
H19 A1A4X C . 0.20 1.26 -6.21
H18 A1A4X C . 8.49 1.04 -0.74
H18 A1A4X C . -0.89 2.59 -6.49
H20 A1A4X C . 1.75 2.00 -0.24
H20 A1A4X C . 3.23 1.89 -2.97
H21 A1A4X C . 3.12 3.01 -0.03
H21 A1A4X C . 3.55 2.60 -1.46
H23 A1A4X C . -1.18 2.85 -0.20
H23 A1A4X C . 2.66 -1.87 0.68
H22 A1A4X C . -2.24 2.85 1.17
H22 A1A4X C . 1.60 -3.20 1.03
H25 A1A4X C . 0.94 4.08 -0.99
H25 A1A4X C . 3.24 -0.34 -1.19
H24 A1A4X C . 2.45 4.52 -1.73
H24 A1A4X C . 4.43 0.10 -2.37
H27 A1A4X C . 2.92 1.40 -2.61
H27 A1A4X C . 1.21 0.73 -1.43
H26 A1A4X C . 3.25 0.59 -1.13
H26 A1A4X C . 1.44 2.24 -0.60
H29 A1A4X C . 4.39 3.89 -8.17
H29 A1A4X C . 11.31 4.48 -0.55
H28 A1A4X C . 3.81 4.13 -9.77
H28 A1A4X C . 9.82 4.49 -1.40
H31 A1A4X C . 4.92 2.61 -2.52
H31 A1A4X C . 0.26 3.19 -2.35
HN1 A1A4X C . -0.65 1.46 -4.75
HN1 A1A4X C . 5.75 1.12 2.60
#